data_4NXW
#
_entry.id   4NXW
#
_cell.length_a   57.534
_cell.length_b   57.534
_cell.length_c   253.749
_cell.angle_alpha   90.00
_cell.angle_beta   90.00
_cell.angle_gamma   90.00
#
_symmetry.space_group_name_H-M   'P 43 21 2'
#
loop_
_entity.id
_entity.type
_entity.pdbx_description
1 polymer 'Mitochondrial dynamic protein MID51'
2 non-polymer "ADENOSINE-5'-DIPHOSPHATE"
3 water water
#
_entity_poly.entity_id   1
_entity_poly.type   'polypeptide(L)'
_entity_poly.pdbx_seq_one_letter_code
;GSARKGQVDLKKSRLRMSLQEKLLTYYRNRAAIPAGEQARAKQAAVDICAELRSFLRAKLPDMPLRDMYLSGSLYDDLQV
VTADHIQLIVPLVLEQNLWSCIPGEDTIMNVPGFFLVRRENRGSSYWDRCVVGGYLSPKTVADTFEKVVAGSINWPAIGS
LLDYVIRPAPPPEALTLEVQYERDKHLFIDFLPSVTLGDTVLVAKPHRLAQYDNLWRLSLRPAETARLRALDQADSGCRS
LCLKILKAICKSTPALGHLTASQLTNVILHLAQEEADWSPDMLADRFLQALRGLISYLEAGVLPSALNPKVNLFAELTPE
EIDELGYTLYCSLSEPEVLLQT
;
_entity_poly.pdbx_strand_id   A
#
loop_
_chem_comp.id
_chem_comp.type
_chem_comp.name
_chem_comp.formula
ADP non-polymer ADENOSINE-5'-DIPHOSPHATE 'C10 H15 N5 O10 P2'
#
# COMPACT_ATOMS: atom_id res chain seq x y z
N MET A 17 -6.74 -34.78 5.11
CA MET A 17 -6.08 -33.68 4.43
C MET A 17 -4.90 -33.13 5.24
N SER A 18 -3.73 -33.12 4.63
CA SER A 18 -2.58 -32.35 5.11
C SER A 18 -2.92 -30.87 5.18
N LEU A 19 -2.24 -30.12 6.06
CA LEU A 19 -2.42 -28.66 6.08
C LEU A 19 -2.03 -28.11 4.72
N GLN A 20 -1.00 -28.69 4.13
CA GLN A 20 -0.59 -28.41 2.75
C GLN A 20 -1.76 -28.36 1.78
N GLU A 21 -2.52 -29.46 1.71
CA GLU A 21 -3.67 -29.54 0.81
C GLU A 21 -4.68 -28.41 1.07
N LYS A 22 -4.97 -28.17 2.35
CA LYS A 22 -5.99 -27.19 2.73
C LYS A 22 -5.52 -25.80 2.33
N LEU A 23 -4.20 -25.58 2.42
CA LEU A 23 -3.61 -24.30 2.04
C LEU A 23 -3.78 -24.07 0.54
N LEU A 24 -3.38 -25.04 -0.26
CA LEU A 24 -3.52 -24.93 -1.72
C LEU A 24 -4.97 -24.79 -2.16
N THR A 25 -5.87 -25.52 -1.53
CA THR A 25 -7.29 -25.40 -1.82
C THR A 25 -7.79 -23.99 -1.52
N TYR A 26 -7.44 -23.49 -0.33
CA TYR A 26 -7.82 -22.15 0.09
C TYR A 26 -7.30 -21.11 -0.90
N TYR A 27 -6.01 -21.18 -1.24
CA TYR A 27 -5.46 -20.25 -2.22
C TYR A 27 -6.25 -20.33 -3.53
N ARG A 28 -6.47 -21.55 -4.01
CA ARG A 28 -7.14 -21.78 -5.27
C ARG A 28 -8.57 -21.23 -5.28
N ASN A 29 -9.30 -21.49 -4.20
CA ASN A 29 -10.73 -21.17 -4.16
C ASN A 29 -11.06 -19.83 -3.52
N ARG A 30 -10.11 -19.27 -2.77
CA ARG A 30 -10.36 -18.07 -1.99
C ARG A 30 -9.37 -16.94 -2.29
N ALA A 31 -8.08 -17.22 -2.14
CA ALA A 31 -7.05 -16.19 -2.30
C ALA A 31 -6.91 -15.74 -3.76
N ALA A 32 -6.74 -16.71 -4.65
CA ALA A 32 -6.46 -16.42 -6.06
C ALA A 32 -7.61 -15.68 -6.75
N ILE A 33 -7.23 -14.74 -7.59
CA ILE A 33 -8.19 -14.01 -8.44
C ILE A 33 -8.14 -14.64 -9.83
N PRO A 34 -9.30 -14.85 -10.47
CA PRO A 34 -9.28 -15.43 -11.81
C PRO A 34 -8.42 -14.61 -12.76
N ALA A 35 -7.55 -15.28 -13.51
CA ALA A 35 -6.58 -14.59 -14.37
C ALA A 35 -7.27 -13.58 -15.28
N GLY A 36 -8.50 -13.90 -15.67
CA GLY A 36 -9.29 -13.02 -16.52
C GLY A 36 -9.67 -11.72 -15.82
N GLU A 37 -10.34 -11.84 -14.68
CA GLU A 37 -10.76 -10.68 -13.92
C GLU A 37 -9.55 -9.82 -13.53
N GLN A 38 -8.45 -10.50 -13.19
CA GLN A 38 -7.23 -9.84 -12.74
C GLN A 38 -6.57 -9.01 -13.83
N ALA A 39 -6.43 -9.58 -15.02
CA ALA A 39 -5.77 -8.90 -16.14
C ALA A 39 -6.63 -7.76 -16.67
N ARG A 40 -7.94 -7.98 -16.61
CA ARG A 40 -8.93 -7.03 -17.09
C ARG A 40 -8.96 -5.79 -16.20
N ALA A 41 -8.90 -6.00 -14.89
CA ALA A 41 -8.86 -4.91 -13.92
C ALA A 41 -7.57 -4.09 -14.07
N LYS A 42 -6.46 -4.79 -14.29
CA LYS A 42 -5.18 -4.13 -14.49
C LYS A 42 -5.22 -3.24 -15.73
N GLN A 43 -5.79 -3.76 -16.81
CA GLN A 43 -5.86 -3.01 -18.07
C GLN A 43 -6.76 -1.78 -17.93
N ALA A 44 -7.78 -1.89 -17.09
CA ALA A 44 -8.63 -0.75 -16.81
C ALA A 44 -7.77 0.36 -16.21
N ALA A 45 -6.97 0.01 -15.21
CA ALA A 45 -6.09 0.96 -14.54
C ALA A 45 -5.09 1.58 -15.51
N VAL A 46 -4.42 0.73 -16.28
CA VAL A 46 -3.46 1.20 -17.27
C VAL A 46 -4.11 2.19 -18.21
N ASP A 47 -5.28 1.83 -18.72
CA ASP A 47 -6.01 2.70 -19.64
C ASP A 47 -6.35 4.04 -19.00
N ILE A 48 -6.85 4.01 -17.77
CA ILE A 48 -7.24 5.24 -17.10
C ILE A 48 -6.03 6.10 -16.76
N CYS A 49 -4.95 5.47 -16.31
CA CYS A 49 -3.71 6.17 -16.00
C CYS A 49 -3.26 7.02 -17.19
N ALA A 50 -3.19 6.39 -18.36
CA ALA A 50 -2.76 7.06 -19.58
C ALA A 50 -3.67 8.23 -19.92
N GLU A 51 -4.96 8.04 -19.71
CA GLU A 51 -5.94 9.09 -19.96
C GLU A 51 -5.76 10.26 -19.00
N LEU A 52 -5.57 9.95 -17.72
CA LEU A 52 -5.44 10.99 -16.71
C LEU A 52 -4.13 11.76 -16.87
N ARG A 53 -3.12 11.13 -17.46
CA ARG A 53 -1.86 11.84 -17.73
C ARG A 53 -2.10 12.98 -18.70
N SER A 54 -2.69 12.67 -19.85
CA SER A 54 -2.96 13.69 -20.87
C SER A 54 -3.86 14.79 -20.34
N PHE A 55 -5.01 14.39 -19.81
CA PHE A 55 -6.01 15.35 -19.37
C PHE A 55 -5.50 16.26 -18.25
N LEU A 56 -4.94 15.69 -17.19
CA LEU A 56 -4.51 16.49 -16.05
C LEU A 56 -3.32 17.38 -16.40
N ARG A 57 -2.57 17.03 -17.44
CA ARG A 57 -1.49 17.89 -17.91
C ARG A 57 -2.06 19.22 -18.42
N ALA A 58 -3.23 19.17 -19.04
CA ALA A 58 -3.90 20.36 -19.57
C ALA A 58 -4.86 21.00 -18.55
N LYS A 59 -5.38 20.19 -17.62
CA LYS A 59 -6.34 20.66 -16.62
C LYS A 59 -5.63 21.38 -15.46
N LEU A 60 -4.34 21.08 -15.25
CA LEU A 60 -3.57 21.67 -14.16
C LEU A 60 -2.16 22.02 -14.63
N PRO A 61 -2.04 22.89 -15.65
CA PRO A 61 -0.76 23.23 -16.26
C PRO A 61 0.22 23.91 -15.30
N ASP A 62 -0.31 24.55 -14.26
CA ASP A 62 0.53 25.28 -13.31
C ASP A 62 1.19 24.36 -12.30
N MET A 63 0.62 23.16 -12.13
CA MET A 63 1.03 22.24 -11.07
C MET A 63 2.29 21.43 -11.46
N PRO A 64 3.41 21.64 -10.73
CA PRO A 64 4.66 20.92 -11.04
C PRO A 64 4.59 19.43 -10.73
N LEU A 65 4.30 18.62 -11.75
CA LEU A 65 4.15 17.17 -11.56
C LEU A 65 4.97 16.36 -12.54
N ARG A 66 5.36 15.16 -12.11
CA ARG A 66 5.92 14.16 -13.01
C ARG A 66 4.76 13.39 -13.60
N ASP A 67 5.07 12.48 -14.52
CA ASP A 67 4.07 11.53 -15.00
C ASP A 67 3.54 10.75 -13.80
N MET A 68 2.21 10.61 -13.73
CA MET A 68 1.61 9.78 -12.72
C MET A 68 1.76 8.33 -13.13
N TYR A 69 1.74 7.43 -12.15
CA TYR A 69 1.97 6.02 -12.44
C TYR A 69 1.27 5.15 -11.42
N LEU A 70 1.02 3.90 -11.80
CA LEU A 70 0.27 2.96 -10.97
C LEU A 70 1.15 2.26 -9.96
N SER A 71 0.55 1.93 -8.81
CA SER A 71 1.24 1.21 -7.75
C SER A 71 0.22 0.46 -6.88
N GLY A 72 0.67 -0.63 -6.28
CA GLY A 72 -0.20 -1.44 -5.45
C GLY A 72 -0.20 -2.90 -5.86
N SER A 73 -0.79 -3.73 -5.01
CA SER A 73 -0.85 -5.17 -5.22
C SER A 73 -1.46 -5.59 -6.58
N LEU A 74 -2.47 -4.85 -7.05
CA LEU A 74 -3.08 -5.17 -8.34
C LEU A 74 -2.05 -5.08 -9.46
N TYR A 75 -1.15 -4.11 -9.36
CA TYR A 75 -0.13 -3.90 -10.37
C TYR A 75 0.95 -4.97 -10.26
N ASP A 76 1.12 -5.50 -9.04
CA ASP A 76 2.19 -6.45 -8.73
C ASP A 76 1.77 -7.91 -8.77
N ASP A 77 0.48 -8.16 -9.06
CA ASP A 77 -0.09 -9.50 -8.96
C ASP A 77 0.03 -10.05 -7.53
N LEU A 78 -0.16 -9.18 -6.54
CA LEU A 78 -0.21 -9.61 -5.14
C LEU A 78 -1.58 -9.31 -4.54
N GLN A 79 -2.50 -8.79 -5.34
CA GLN A 79 -3.86 -8.55 -4.88
C GLN A 79 -4.57 -9.89 -4.71
N VAL A 80 -5.52 -9.97 -3.76
CA VAL A 80 -6.21 -11.23 -3.50
C VAL A 80 -7.73 -11.12 -3.42
N VAL A 81 -8.38 -12.28 -3.56
CA VAL A 81 -9.82 -12.44 -3.43
C VAL A 81 -10.58 -11.75 -4.55
N THR A 82 -10.45 -10.43 -4.65
CA THR A 82 -11.05 -9.70 -5.78
C THR A 82 -10.18 -8.51 -6.20
N ALA A 83 -10.29 -8.15 -7.47
CA ALA A 83 -9.44 -7.12 -8.07
C ALA A 83 -10.26 -5.86 -8.29
N ASP A 84 -10.11 -4.91 -7.36
CA ASP A 84 -10.98 -3.73 -7.35
C ASP A 84 -10.29 -2.43 -6.91
N HIS A 85 -9.00 -2.49 -6.58
CA HIS A 85 -8.31 -1.28 -6.13
C HIS A 85 -6.82 -1.20 -6.48
N ILE A 86 -6.38 0.03 -6.74
CA ILE A 86 -5.02 0.33 -7.10
C ILE A 86 -4.72 1.80 -6.82
N GLN A 87 -3.46 2.13 -6.54
CA GLN A 87 -3.07 3.52 -6.33
C GLN A 87 -2.58 4.16 -7.62
N LEU A 88 -2.85 5.45 -7.75
CA LEU A 88 -2.23 6.27 -8.78
C LEU A 88 -1.31 7.28 -8.11
N ILE A 89 -0.01 7.03 -8.16
CA ILE A 89 0.95 7.93 -7.52
C ILE A 89 1.04 9.24 -8.28
N VAL A 90 0.93 10.34 -7.54
CA VAL A 90 1.01 11.69 -8.11
C VAL A 90 2.31 12.36 -7.65
N PRO A 91 3.38 12.28 -8.48
CA PRO A 91 4.68 12.80 -8.03
C PRO A 91 4.81 14.32 -8.15
N LEU A 92 4.85 14.99 -7.00
CA LEU A 92 5.11 16.42 -6.97
C LEU A 92 6.55 16.67 -7.40
N VAL A 93 6.77 17.74 -8.14
CA VAL A 93 8.13 18.18 -8.45
C VAL A 93 8.52 19.24 -7.45
N LEU A 94 9.58 18.96 -6.69
CA LEU A 94 10.12 19.91 -5.72
C LEU A 94 11.54 20.31 -6.08
N GLU A 95 11.78 21.61 -6.09
CA GLU A 95 13.12 22.15 -6.26
C GLU A 95 13.97 21.71 -5.06
N GLN A 96 14.94 20.84 -5.31
CA GLN A 96 15.65 20.17 -4.23
C GLN A 96 16.29 21.10 -3.20
N ASN A 97 16.57 22.35 -3.59
CA ASN A 97 17.24 23.29 -2.70
C ASN A 97 16.26 24.24 -1.97
N LEU A 98 14.97 24.04 -2.20
CA LEU A 98 13.95 24.82 -1.50
C LEU A 98 13.25 23.99 -0.43
N TRP A 99 13.63 22.71 -0.32
CA TRP A 99 12.98 21.79 0.59
C TRP A 99 13.99 20.80 1.14
N SER A 100 13.80 20.42 2.39
CA SER A 100 14.51 19.30 2.98
C SER A 100 13.50 18.46 3.72
N CYS A 101 13.83 17.20 3.93
CA CYS A 101 12.97 16.33 4.70
C CYS A 101 13.69 15.88 5.97
N ILE A 102 12.91 15.76 7.05
CA ILE A 102 13.44 15.46 8.36
C ILE A 102 12.86 14.11 8.82
N PRO A 103 13.72 13.10 9.00
CA PRO A 103 13.23 11.79 9.42
C PRO A 103 12.66 11.84 10.84
N GLY A 104 11.55 11.13 11.04
CA GLY A 104 10.79 11.24 12.28
C GLY A 104 11.60 11.07 13.53
N GLU A 105 12.62 10.20 13.48
CA GLU A 105 13.46 9.95 14.66
C GLU A 105 14.27 11.17 15.08
N ASP A 106 14.32 12.18 14.21
CA ASP A 106 14.98 13.44 14.53
C ASP A 106 13.99 14.57 14.81
N THR A 107 12.70 14.26 14.76
CA THR A 107 11.66 15.24 15.11
C THR A 107 11.19 15.02 16.54
N ILE A 108 10.30 15.89 17.01
CA ILE A 108 9.68 15.73 18.32
C ILE A 108 8.62 14.62 18.31
N MET A 109 8.02 14.37 17.15
CA MET A 109 7.05 13.27 17.04
C MET A 109 7.77 11.94 17.25
N ASN A 110 9.06 11.92 16.96
CA ASN A 110 9.90 10.72 17.11
C ASN A 110 9.29 9.43 16.56
N VAL A 111 8.82 9.48 15.31
CA VAL A 111 8.20 8.32 14.67
C VAL A 111 9.02 7.96 13.43
N PRO A 112 9.84 6.90 13.52
CA PRO A 112 10.60 6.50 12.33
C PRO A 112 9.67 6.00 11.24
N GLY A 113 10.00 6.30 9.99
CA GLY A 113 9.17 5.92 8.86
C GLY A 113 8.20 7.03 8.50
N PHE A 114 8.26 8.13 9.25
CA PHE A 114 7.44 9.30 8.95
C PHE A 114 8.28 10.56 9.01
N PHE A 115 8.09 11.43 8.02
CA PHE A 115 8.97 12.55 7.78
C PHE A 115 8.26 13.89 7.83
N LEU A 116 9.00 14.91 8.25
CA LEU A 116 8.60 16.28 7.99
C LEU A 116 9.26 16.72 6.69
N VAL A 117 8.57 17.58 5.95
CA VAL A 117 9.14 18.23 4.78
C VAL A 117 9.16 19.73 5.06
N ARG A 118 10.36 20.26 5.27
CA ARG A 118 10.51 21.65 5.68
C ARG A 118 10.85 22.56 4.51
N ARG A 119 10.22 23.72 4.47
CA ARG A 119 10.50 24.73 3.46
C ARG A 119 11.80 25.46 3.77
N GLU A 120 12.59 25.73 2.73
CA GLU A 120 13.94 26.25 2.89
C GLU A 120 14.20 27.53 2.09
N ASN A 121 15.20 28.28 2.53
CA ASN A 121 15.84 29.32 1.71
C ASN A 121 14.85 30.33 1.13
N ARG A 122 15.09 30.74 -0.11
CA ARG A 122 14.34 31.81 -0.72
C ARG A 122 13.51 31.19 -1.82
N GLY A 123 13.53 31.78 -3.00
CA GLY A 123 12.83 31.22 -4.13
C GLY A 123 11.34 31.21 -3.90
N SER A 124 10.63 30.85 -4.97
CA SER A 124 9.20 30.66 -4.91
C SER A 124 8.96 29.26 -5.41
N SER A 125 8.01 28.57 -4.80
CA SER A 125 7.59 27.28 -5.29
C SER A 125 6.10 27.36 -5.47
N TYR A 126 5.63 26.80 -6.57
CA TYR A 126 4.21 26.63 -6.76
C TYR A 126 3.60 26.07 -5.48
N TRP A 127 4.32 25.14 -4.85
CA TRP A 127 3.78 24.39 -3.71
C TRP A 127 3.82 25.15 -2.40
N ASP A 128 4.32 26.38 -2.42
CA ASP A 128 4.27 27.23 -1.24
C ASP A 128 2.84 27.31 -0.70
N ARG A 129 1.87 27.19 -1.59
CA ARG A 129 0.46 27.28 -1.22
C ARG A 129 -0.03 26.09 -0.42
N CYS A 130 0.80 25.05 -0.27
CA CYS A 130 0.44 23.92 0.61
C CYS A 130 1.32 23.91 1.85
N VAL A 131 2.20 24.90 1.97
CA VAL A 131 3.05 25.03 3.14
C VAL A 131 2.30 25.77 4.23
N VAL A 132 2.31 25.22 5.44
CA VAL A 132 1.80 25.93 6.60
C VAL A 132 2.80 25.83 7.75
N GLY A 133 3.16 26.99 8.29
CA GLY A 133 4.12 27.06 9.38
C GLY A 133 5.51 26.64 8.96
N GLY A 134 5.83 26.87 7.68
CA GLY A 134 7.14 26.54 7.15
C GLY A 134 7.35 25.06 6.83
N TYR A 135 6.26 24.29 6.77
CA TYR A 135 6.33 22.87 6.42
C TYR A 135 5.30 22.52 5.37
N LEU A 136 5.69 21.65 4.44
CA LEU A 136 4.77 21.15 3.42
C LEU A 136 3.86 20.10 4.06
N SER A 137 2.59 20.46 4.22
CA SER A 137 1.64 19.57 4.89
C SER A 137 1.14 18.47 3.95
N PRO A 138 1.22 17.19 4.38
CA PRO A 138 0.68 16.15 3.51
C PRO A 138 -0.83 16.24 3.37
N LYS A 139 -1.49 16.77 4.39
CA LYS A 139 -2.94 16.91 4.39
C LYS A 139 -3.37 18.03 3.45
N THR A 140 -2.65 19.14 3.48
CA THR A 140 -2.94 20.27 2.62
C THR A 140 -2.70 19.90 1.16
N VAL A 141 -1.68 19.09 0.92
CA VAL A 141 -1.40 18.57 -0.41
C VAL A 141 -2.54 17.64 -0.83
N ALA A 142 -3.04 16.86 0.13
CA ALA A 142 -4.14 15.94 -0.14
C ALA A 142 -5.41 16.69 -0.49
N ASP A 143 -5.59 17.85 0.14
CA ASP A 143 -6.79 18.65 -0.08
C ASP A 143 -6.79 19.32 -1.45
N THR A 144 -5.60 19.64 -1.95
CA THR A 144 -5.51 20.18 -3.31
C THR A 144 -6.09 19.17 -4.30
N PHE A 145 -5.88 17.88 -4.01
CA PHE A 145 -6.32 16.83 -4.93
C PHE A 145 -7.70 16.27 -4.61
N GLU A 146 -8.19 16.50 -3.40
CA GLU A 146 -9.61 16.24 -3.13
C GLU A 146 -10.44 17.17 -4.01
N LYS A 147 -9.94 18.38 -4.20
CA LYS A 147 -10.55 19.36 -5.10
C LYS A 147 -10.55 18.84 -6.54
N VAL A 148 -9.42 18.29 -6.97
CA VAL A 148 -9.30 17.78 -8.32
C VAL A 148 -10.27 16.62 -8.57
N VAL A 149 -10.39 15.73 -7.59
CA VAL A 149 -11.28 14.58 -7.69
C VAL A 149 -12.75 15.00 -7.70
N ALA A 150 -13.10 15.92 -6.78
CA ALA A 150 -14.46 16.47 -6.74
C ALA A 150 -14.78 17.21 -8.03
N GLY A 151 -13.77 17.83 -8.62
CA GLY A 151 -13.95 18.55 -9.87
C GLY A 151 -14.17 17.64 -11.06
N SER A 152 -14.00 16.33 -10.86
CA SER A 152 -14.07 15.40 -11.97
C SER A 152 -15.46 15.32 -12.60
N ILE A 153 -16.47 15.86 -11.93
CA ILE A 153 -17.80 15.90 -12.49
C ILE A 153 -17.96 17.01 -13.54
N ASN A 154 -16.94 17.85 -13.68
CA ASN A 154 -16.91 18.86 -14.73
C ASN A 154 -16.22 18.36 -16.01
N TRP A 155 -15.43 17.30 -15.87
CA TRP A 155 -14.61 16.78 -16.95
C TRP A 155 -15.49 16.22 -18.06
N PRO A 156 -14.93 16.13 -19.30
CA PRO A 156 -15.64 15.37 -20.34
C PRO A 156 -15.51 13.87 -20.09
N ALA A 157 -16.11 13.08 -20.97
CA ALA A 157 -16.04 11.63 -20.87
C ALA A 157 -14.65 11.17 -21.26
N ILE A 158 -13.80 11.03 -20.26
CA ILE A 158 -12.45 10.52 -20.46
C ILE A 158 -12.52 8.99 -20.53
N GLY A 159 -11.80 8.42 -21.48
CA GLY A 159 -11.84 6.98 -21.70
C GLY A 159 -13.12 6.48 -22.34
N SER A 160 -14.00 7.39 -22.75
CA SER A 160 -15.28 7.00 -23.35
C SER A 160 -15.08 6.27 -24.67
N LEU A 161 -13.87 6.34 -25.21
CA LEU A 161 -13.55 5.57 -26.41
C LEU A 161 -13.43 4.07 -26.09
N LEU A 162 -13.00 3.76 -24.88
CA LEU A 162 -12.89 2.38 -24.42
C LEU A 162 -14.00 2.05 -23.41
N ASP A 163 -15.13 2.73 -23.55
CA ASP A 163 -16.31 2.56 -22.70
C ASP A 163 -15.99 2.46 -21.20
N TYR A 164 -15.22 3.43 -20.71
CA TYR A 164 -15.06 3.64 -19.29
C TYR A 164 -15.88 4.85 -18.86
N VAL A 165 -16.42 4.79 -17.65
CA VAL A 165 -17.08 5.95 -17.06
C VAL A 165 -16.45 6.25 -15.71
N ILE A 166 -15.88 7.44 -15.60
CA ILE A 166 -15.11 7.84 -14.44
C ILE A 166 -15.96 8.73 -13.54
N ARG A 167 -16.08 8.35 -12.27
CA ARG A 167 -16.90 9.08 -11.31
C ARG A 167 -16.18 9.24 -9.96
N PRO A 168 -16.33 10.40 -9.30
CA PRO A 168 -15.75 10.49 -7.96
C PRO A 168 -16.35 9.44 -7.04
N ALA A 169 -15.56 8.94 -6.10
CA ALA A 169 -16.01 7.83 -5.28
C ALA A 169 -17.03 8.33 -4.29
N PRO A 170 -17.92 7.43 -3.84
CA PRO A 170 -18.82 7.74 -2.73
C PRO A 170 -18.02 8.20 -1.50
N PRO A 171 -18.48 9.27 -0.82
CA PRO A 171 -17.83 9.69 0.43
C PRO A 171 -17.65 8.54 1.42
N PRO A 172 -16.64 8.63 2.31
CA PRO A 172 -15.72 9.76 2.50
C PRO A 172 -14.39 9.61 1.76
N GLU A 173 -14.34 8.72 0.77
CA GLU A 173 -13.11 8.48 0.01
C GLU A 173 -12.88 9.61 -0.98
N ALA A 174 -12.52 10.78 -0.45
CA ALA A 174 -12.45 12.01 -1.25
C ALA A 174 -11.27 12.04 -2.25
N LEU A 175 -10.39 11.05 -2.18
CA LEU A 175 -9.27 10.96 -3.13
C LEU A 175 -9.44 9.83 -4.16
N THR A 176 -10.60 9.19 -4.16
CA THR A 176 -10.83 8.02 -5.00
C THR A 176 -11.74 8.29 -6.20
N LEU A 177 -11.30 7.81 -7.36
CA LEU A 177 -12.16 7.77 -8.54
C LEU A 177 -12.74 6.36 -8.67
N GLU A 178 -13.98 6.28 -9.15
CA GLU A 178 -14.63 5.01 -9.42
C GLU A 178 -14.73 4.81 -10.92
N VAL A 179 -14.17 3.72 -11.41
CA VAL A 179 -14.17 3.46 -12.84
C VAL A 179 -15.02 2.25 -13.13
N GLN A 180 -16.12 2.46 -13.85
CA GLN A 180 -16.97 1.37 -14.26
C GLN A 180 -16.60 0.99 -15.69
N TYR A 181 -16.38 -0.31 -15.86
CA TYR A 181 -16.06 -0.90 -17.15
C TYR A 181 -16.92 -2.16 -17.25
N GLU A 182 -17.35 -2.51 -18.46
CA GLU A 182 -18.44 -3.46 -18.63
C GLU A 182 -18.16 -4.81 -17.95
N ARG A 183 -19.09 -5.35 -17.16
CA ARG A 183 -20.38 -4.76 -16.81
C ARG A 183 -20.63 -5.00 -15.32
N ASP A 184 -21.03 -3.93 -14.65
CA ASP A 184 -21.13 -3.89 -13.20
C ASP A 184 -19.79 -4.23 -12.56
N LYS A 185 -18.73 -3.88 -13.29
CA LYS A 185 -17.35 -4.02 -12.82
C LYS A 185 -16.78 -2.66 -12.49
N HIS A 186 -16.19 -2.56 -11.32
CA HIS A 186 -15.71 -1.29 -10.79
C HIS A 186 -14.29 -1.46 -10.27
N LEU A 187 -13.45 -0.47 -10.57
CA LEU A 187 -12.08 -0.40 -10.08
C LEU A 187 -11.94 0.92 -9.33
N PHE A 188 -11.37 0.87 -8.14
CA PHE A 188 -11.20 2.07 -7.31
C PHE A 188 -9.75 2.53 -7.26
N ILE A 189 -9.54 3.69 -7.89
CA ILE A 189 -8.22 4.29 -8.03
C ILE A 189 -8.11 5.52 -7.15
N ASP A 190 -7.28 5.45 -6.11
CA ASP A 190 -7.05 6.63 -5.26
C ASP A 190 -5.73 7.30 -5.59
N PHE A 191 -5.76 8.62 -5.59
CA PHE A 191 -4.58 9.42 -5.84
C PHE A 191 -3.73 9.42 -4.60
N LEU A 192 -2.44 9.16 -4.78
CA LEU A 192 -1.52 9.12 -3.66
C LEU A 192 -0.39 10.10 -3.96
N PRO A 193 -0.48 11.33 -3.41
CA PRO A 193 0.56 12.31 -3.67
C PRO A 193 1.88 11.86 -3.07
N SER A 194 2.97 12.17 -3.76
CA SER A 194 4.28 11.70 -3.35
C SER A 194 5.32 12.78 -3.55
N VAL A 195 6.34 12.80 -2.70
CA VAL A 195 7.48 13.67 -2.93
C VAL A 195 8.77 12.89 -2.81
N THR A 196 9.73 13.28 -3.64
CA THR A 196 11.06 12.72 -3.62
C THR A 196 12.06 13.82 -3.34
N LEU A 197 12.79 13.64 -2.25
CA LEU A 197 13.89 14.54 -1.87
C LEU A 197 15.13 13.71 -1.70
N GLY A 198 16.17 14.04 -2.47
CA GLY A 198 17.32 13.18 -2.61
C GLY A 198 16.84 11.82 -3.10
N ASP A 199 17.10 10.78 -2.31
CA ASP A 199 16.64 9.43 -2.63
C ASP A 199 15.57 8.94 -1.63
N THR A 200 15.03 9.87 -0.84
CA THR A 200 13.92 9.54 0.04
C THR A 200 12.60 9.75 -0.69
N VAL A 201 11.79 8.70 -0.74
CA VAL A 201 10.46 8.79 -1.32
C VAL A 201 9.40 8.79 -0.22
N LEU A 202 8.54 9.81 -0.27
CA LEU A 202 7.46 9.97 0.70
C LEU A 202 6.11 10.01 0.00
N VAL A 203 5.10 9.48 0.67
CA VAL A 203 3.72 9.56 0.18
C VAL A 203 2.81 10.12 1.28
N ALA A 204 1.84 10.92 0.86
CA ALA A 204 0.84 11.45 1.79
C ALA A 204 -0.18 10.37 2.07
N LYS A 205 0.22 9.44 2.92
CA LYS A 205 -0.63 8.33 3.33
C LYS A 205 -0.77 8.41 4.85
N PRO A 206 -1.74 9.19 5.35
CA PRO A 206 -1.80 9.53 6.77
C PRO A 206 -1.46 8.40 7.72
N HIS A 207 -0.63 8.74 8.71
CA HIS A 207 -0.40 7.89 9.86
C HIS A 207 -1.77 7.53 10.44
N ARG A 208 -1.93 6.33 10.97
CA ARG A 208 -3.25 5.84 11.34
C ARG A 208 -3.83 6.64 12.50
N LEU A 209 -2.95 7.00 13.42
CA LEU A 209 -3.30 7.87 14.53
C LEU A 209 -3.21 9.33 14.07
N ALA A 210 -4.24 10.12 14.38
CA ALA A 210 -4.39 11.47 13.84
C ALA A 210 -3.26 12.44 14.21
N GLN A 211 -2.75 12.39 15.44
CA GLN A 211 -1.58 13.19 15.86
C GLN A 211 -0.47 13.21 14.82
N TYR A 212 -0.24 12.06 14.19
CA TYR A 212 0.84 11.87 13.25
C TYR A 212 0.39 12.01 11.80
N ASP A 213 -0.81 12.57 11.62
CA ASP A 213 -1.43 12.59 10.30
C ASP A 213 -0.86 13.69 9.40
N ASN A 214 -0.03 14.57 9.97
CA ASN A 214 0.61 15.62 9.19
C ASN A 214 2.10 15.35 9.03
N LEU A 215 2.49 14.09 9.27
CA LEU A 215 3.79 13.59 8.85
C LEU A 215 3.65 12.85 7.52
N TRP A 216 4.63 13.03 6.64
CA TRP A 216 4.69 12.25 5.41
C TRP A 216 5.17 10.83 5.72
N ARG A 217 4.68 9.86 4.96
CA ARG A 217 5.04 8.45 5.15
C ARG A 217 6.15 8.02 4.20
N LEU A 218 7.21 7.42 4.75
CA LEU A 218 8.29 6.88 3.94
C LEU A 218 7.78 5.73 3.08
N SER A 219 8.01 5.81 1.78
CA SER A 219 7.62 4.76 0.85
C SER A 219 8.56 3.56 0.91
N LEU A 220 8.04 2.46 1.43
CA LEU A 220 8.80 1.22 1.57
C LEU A 220 8.33 0.12 0.62
N ARG A 221 7.11 0.26 0.07
CA ARG A 221 6.48 -0.84 -0.65
C ARG A 221 7.24 -1.32 -1.89
N PRO A 222 7.73 -0.39 -2.73
CA PRO A 222 8.44 -0.84 -3.93
C PRO A 222 9.65 -1.72 -3.60
N ALA A 223 10.45 -1.32 -2.61
CA ALA A 223 11.62 -2.11 -2.22
C ALA A 223 11.22 -3.44 -1.55
N GLU A 224 10.18 -3.41 -0.72
CA GLU A 224 9.68 -4.63 -0.09
C GLU A 224 9.27 -5.69 -1.12
N THR A 225 8.46 -5.28 -2.08
CA THR A 225 7.89 -6.22 -3.04
C THR A 225 8.91 -6.65 -4.07
N ALA A 226 9.86 -5.76 -4.37
CA ALA A 226 10.95 -6.11 -5.28
C ALA A 226 11.81 -7.21 -4.66
N ARG A 227 12.04 -7.08 -3.35
CA ARG A 227 12.82 -8.07 -2.62
C ARG A 227 12.10 -9.41 -2.64
N LEU A 228 10.79 -9.35 -2.47
CA LEU A 228 9.97 -10.55 -2.46
C LEU A 228 10.04 -11.26 -3.82
N ARG A 229 9.90 -10.49 -4.89
CA ARG A 229 9.97 -11.03 -6.24
C ARG A 229 11.33 -11.67 -6.53
N ALA A 230 12.39 -10.91 -6.23
CA ALA A 230 13.74 -11.37 -6.49
C ALA A 230 14.04 -12.69 -5.78
N LEU A 231 13.58 -12.79 -4.52
CA LEU A 231 13.80 -14.00 -3.74
C LEU A 231 13.10 -15.20 -4.36
N ASP A 232 11.85 -15.01 -4.78
CA ASP A 232 11.07 -16.11 -5.34
C ASP A 232 11.55 -16.45 -6.75
N GLN A 233 12.02 -15.45 -7.50
CA GLN A 233 12.44 -15.71 -8.87
C GLN A 233 13.75 -16.49 -8.88
N ALA A 234 14.57 -16.25 -7.87
CA ALA A 234 15.85 -16.95 -7.73
C ALA A 234 15.70 -18.47 -7.62
N ASP A 235 14.61 -18.93 -6.99
CA ASP A 235 14.46 -20.36 -6.71
C ASP A 235 13.04 -20.91 -6.95
N SER A 236 12.24 -20.19 -7.73
CA SER A 236 10.83 -20.56 -7.96
C SER A 236 10.09 -20.86 -6.66
N GLY A 237 10.50 -20.21 -5.57
CA GLY A 237 9.93 -20.47 -4.27
C GLY A 237 8.50 -20.00 -4.10
N CYS A 238 7.93 -20.24 -2.92
CA CYS A 238 6.52 -19.96 -2.64
C CYS A 238 6.28 -18.85 -1.61
N ARG A 239 7.23 -17.92 -1.49
CA ARG A 239 7.08 -16.80 -0.57
C ARG A 239 5.86 -15.94 -0.93
N SER A 240 5.70 -15.64 -2.21
CA SER A 240 4.58 -14.79 -2.66
C SER A 240 3.25 -15.49 -2.43
N LEU A 241 3.22 -16.79 -2.69
CA LEU A 241 1.99 -17.57 -2.55
C LEU A 241 1.56 -17.63 -1.09
N CYS A 242 2.52 -17.91 -0.22
CA CYS A 242 2.26 -17.93 1.22
C CYS A 242 1.76 -16.56 1.69
N LEU A 243 2.36 -15.49 1.16
CA LEU A 243 1.92 -14.14 1.50
C LEU A 243 0.46 -13.92 1.11
N LYS A 244 0.11 -14.31 -0.12
CA LYS A 244 -1.23 -14.04 -0.62
C LYS A 244 -2.27 -14.76 0.22
N ILE A 245 -1.95 -15.96 0.70
CA ILE A 245 -2.83 -16.68 1.61
C ILE A 245 -3.08 -15.86 2.87
N LEU A 246 -2.00 -15.37 3.48
CA LEU A 246 -2.11 -14.58 4.69
C LEU A 246 -2.93 -13.33 4.45
N LYS A 247 -2.68 -12.66 3.34
CA LYS A 247 -3.41 -11.43 3.01
C LYS A 247 -4.90 -11.73 2.91
N ALA A 248 -5.25 -12.87 2.33
CA ALA A 248 -6.65 -13.25 2.17
C ALA A 248 -7.26 -13.71 3.49
N ILE A 249 -6.47 -14.39 4.31
CA ILE A 249 -6.90 -14.72 5.66
C ILE A 249 -7.22 -13.45 6.44
N CYS A 250 -6.35 -12.46 6.36
CA CYS A 250 -6.52 -11.22 7.12
C CYS A 250 -7.63 -10.34 6.55
N LYS A 251 -8.09 -10.68 5.35
CA LYS A 251 -9.26 -10.00 4.79
C LYS A 251 -10.55 -10.70 5.22
N SER A 252 -10.43 -11.83 5.91
CA SER A 252 -11.58 -12.65 6.27
C SER A 252 -12.36 -12.10 7.45
N THR A 253 -11.66 -11.51 8.42
CA THR A 253 -12.30 -10.98 9.62
C THR A 253 -11.95 -9.52 9.87
N PRO A 254 -12.83 -8.80 10.59
CA PRO A 254 -12.53 -7.44 11.04
C PRO A 254 -11.27 -7.34 11.90
N ALA A 255 -11.14 -8.26 12.85
CA ALA A 255 -9.97 -8.30 13.73
C ALA A 255 -8.70 -8.34 12.90
N LEU A 256 -8.60 -9.35 12.05
CA LEU A 256 -7.36 -9.60 11.31
C LEU A 256 -7.09 -8.57 10.22
N GLY A 257 -8.08 -7.75 9.88
CA GLY A 257 -7.91 -6.74 8.85
C GLY A 257 -7.17 -5.50 9.33
N HIS A 258 -6.73 -5.52 10.58
CA HIS A 258 -5.89 -4.45 11.12
C HIS A 258 -4.44 -4.74 10.77
N LEU A 259 -4.19 -5.99 10.37
CA LEU A 259 -2.92 -6.38 9.80
C LEU A 259 -2.85 -5.92 8.34
N THR A 260 -1.67 -5.50 7.91
CA THR A 260 -1.51 -4.93 6.57
C THR A 260 -0.64 -5.81 5.69
N ALA A 261 -0.73 -5.57 4.37
CA ALA A 261 0.12 -6.24 3.40
C ALA A 261 1.58 -6.08 3.78
N SER A 262 1.96 -4.84 4.07
CA SER A 262 3.35 -4.51 4.39
C SER A 262 3.85 -5.32 5.58
N GLN A 263 3.02 -5.38 6.62
CA GLN A 263 3.36 -6.14 7.83
C GLN A 263 3.55 -7.61 7.51
N LEU A 264 2.60 -8.19 6.79
CA LEU A 264 2.71 -9.60 6.43
C LEU A 264 3.88 -9.85 5.48
N THR A 265 4.08 -8.94 4.54
CA THR A 265 5.23 -9.06 3.63
C THR A 265 6.53 -9.13 4.41
N ASN A 266 6.66 -8.30 5.44
CA ASN A 266 7.89 -8.27 6.22
C ASN A 266 8.02 -9.44 7.17
N VAL A 267 6.90 -10.00 7.58
CA VAL A 267 6.93 -11.27 8.28
C VAL A 267 7.62 -12.30 7.39
N ILE A 268 7.14 -12.39 6.15
CA ILE A 268 7.71 -13.32 5.16
C ILE A 268 9.19 -13.02 4.94
N LEU A 269 9.52 -11.75 4.69
CA LEU A 269 10.90 -11.39 4.43
C LEU A 269 11.84 -11.76 5.58
N HIS A 270 11.40 -11.56 6.81
CA HIS A 270 12.20 -11.93 7.97
C HIS A 270 12.40 -13.44 8.00
N LEU A 271 11.33 -14.19 7.72
CA LEU A 271 11.41 -15.64 7.72
C LEU A 271 12.32 -16.15 6.60
N ALA A 272 12.41 -15.39 5.52
CA ALA A 272 13.26 -15.77 4.39
C ALA A 272 14.73 -15.64 4.73
N GLN A 273 15.06 -14.72 5.64
CA GLN A 273 16.43 -14.58 6.13
C GLN A 273 16.86 -15.79 6.99
N GLU A 274 15.88 -16.51 7.52
CA GLU A 274 16.17 -17.67 8.37
C GLU A 274 16.06 -18.98 7.61
N GLU A 275 15.19 -19.00 6.60
CA GLU A 275 14.91 -20.20 5.82
C GLU A 275 15.21 -19.97 4.34
N ALA A 276 16.08 -20.80 3.78
CA ALA A 276 16.44 -20.71 2.37
C ALA A 276 15.50 -21.54 1.50
N ASP A 277 15.08 -22.68 2.01
CA ASP A 277 14.28 -23.63 1.23
C ASP A 277 12.80 -23.27 1.28
N TRP A 278 12.32 -22.66 0.19
CA TRP A 278 10.92 -22.34 0.02
C TRP A 278 10.34 -23.13 -1.13
N SER A 279 10.76 -24.39 -1.25
CA SER A 279 10.17 -25.30 -2.21
C SER A 279 8.67 -25.44 -1.93
N PRO A 280 7.86 -25.64 -2.98
CA PRO A 280 6.40 -25.76 -2.81
C PRO A 280 5.94 -26.80 -1.80
N ASP A 281 6.74 -27.82 -1.51
CA ASP A 281 6.34 -28.84 -0.54
C ASP A 281 6.59 -28.35 0.89
N MET A 282 7.31 -27.24 1.02
CA MET A 282 7.57 -26.64 2.32
C MET A 282 6.53 -25.58 2.72
N LEU A 283 5.45 -25.46 1.95
CA LEU A 283 4.53 -24.34 2.12
C LEU A 283 3.87 -24.36 3.50
N ALA A 284 3.38 -25.52 3.93
CA ALA A 284 2.69 -25.63 5.21
C ALA A 284 3.63 -25.35 6.37
N ASP A 285 4.86 -25.85 6.26
CA ASP A 285 5.89 -25.59 7.26
C ASP A 285 6.12 -24.09 7.39
N ARG A 286 6.28 -23.42 6.25
CA ARG A 286 6.54 -21.99 6.23
C ARG A 286 5.35 -21.18 6.74
N PHE A 287 4.16 -21.63 6.39
CA PHE A 287 2.94 -20.98 6.83
C PHE A 287 2.82 -20.98 8.36
N LEU A 288 3.25 -22.08 9.00
CA LEU A 288 3.20 -22.15 10.45
C LEU A 288 4.30 -21.28 11.06
N GLN A 289 5.48 -21.31 10.44
CA GLN A 289 6.58 -20.45 10.89
C GLN A 289 6.15 -18.99 10.77
N ALA A 290 5.45 -18.67 9.69
CA ALA A 290 4.98 -17.30 9.48
C ALA A 290 4.04 -16.89 10.60
N LEU A 291 3.09 -17.77 10.92
CA LEU A 291 2.15 -17.52 12.02
C LEU A 291 2.90 -17.36 13.34
N ARG A 292 3.83 -18.28 13.59
CA ARG A 292 4.69 -18.24 14.76
C ARG A 292 5.40 -16.89 14.88
N GLY A 293 6.12 -16.50 13.82
CA GLY A 293 6.82 -15.22 13.81
C GLY A 293 5.87 -14.07 14.08
N LEU A 294 4.73 -14.10 13.41
CA LEU A 294 3.73 -13.06 13.54
C LEU A 294 3.27 -12.91 15.00
N ILE A 295 3.15 -14.04 15.69
CA ILE A 295 2.76 -14.04 17.10
C ILE A 295 3.86 -13.43 17.98
N SER A 296 5.12 -13.72 17.69
CA SER A 296 6.23 -13.15 18.43
C SER A 296 6.31 -11.64 18.28
N TYR A 297 6.24 -11.16 17.04
CA TYR A 297 6.25 -9.71 16.81
C TYR A 297 5.13 -9.02 17.57
N LEU A 298 3.95 -9.63 17.57
CA LEU A 298 2.82 -9.08 18.30
C LEU A 298 3.07 -9.10 19.81
N GLU A 299 3.66 -10.19 20.30
CA GLU A 299 4.06 -10.28 21.70
C GLU A 299 5.04 -9.16 22.05
N ALA A 300 6.00 -8.93 21.16
CA ALA A 300 7.03 -7.91 21.40
C ALA A 300 6.51 -6.50 21.14
N GLY A 301 5.36 -6.40 20.49
CA GLY A 301 4.83 -5.10 20.08
C GLY A 301 5.67 -4.41 19.01
N VAL A 302 6.61 -5.16 18.43
CA VAL A 302 7.54 -4.63 17.44
C VAL A 302 7.71 -5.56 16.25
N LEU A 303 7.46 -5.03 15.06
CA LEU A 303 7.79 -5.73 13.82
C LEU A 303 8.66 -4.81 12.97
N PRO A 304 9.99 -4.95 13.07
CA PRO A 304 10.88 -4.09 12.29
C PRO A 304 10.81 -4.39 10.79
N SER A 305 10.80 -3.33 9.98
CA SER A 305 10.89 -3.48 8.54
C SER A 305 12.20 -4.20 8.21
N ALA A 306 12.10 -5.23 7.37
CA ALA A 306 13.26 -5.99 6.98
C ALA A 306 14.26 -5.13 6.21
N LEU A 307 13.77 -4.09 5.55
CA LEU A 307 14.63 -3.24 4.70
C LEU A 307 15.08 -1.97 5.40
N ASN A 308 14.34 -1.54 6.42
CA ASN A 308 14.77 -0.42 7.24
C ASN A 308 14.39 -0.69 8.70
N PRO A 309 15.28 -1.38 9.44
CA PRO A 309 14.99 -1.90 10.78
C PRO A 309 14.55 -0.83 11.79
N LYS A 310 15.00 0.41 11.61
CA LYS A 310 14.58 1.53 12.45
C LYS A 310 13.07 1.72 12.49
N VAL A 311 12.38 1.19 11.49
CA VAL A 311 10.94 1.40 11.34
C VAL A 311 10.17 0.21 11.91
N ASN A 312 9.38 0.49 12.95
CA ASN A 312 8.46 -0.50 13.50
C ASN A 312 7.12 -0.39 12.78
N LEU A 313 6.79 -1.45 12.03
CA LEU A 313 5.57 -1.45 11.22
C LEU A 313 4.31 -1.62 12.06
N PHE A 314 4.47 -1.91 13.34
CA PHE A 314 3.33 -2.04 14.26
C PHE A 314 3.06 -0.75 15.05
N ALA A 315 3.78 0.31 14.73
CA ALA A 315 3.71 1.54 15.49
C ALA A 315 2.49 2.40 15.18
N GLU A 316 1.67 1.96 14.23
CA GLU A 316 0.39 2.62 13.97
C GLU A 316 -0.75 1.91 14.70
N LEU A 317 -0.40 0.81 15.37
CA LEU A 317 -1.36 0.05 16.14
C LEU A 317 -1.28 0.45 17.60
N THR A 318 -2.44 0.58 18.25
CA THR A 318 -2.44 0.83 19.68
C THR A 318 -2.02 -0.44 20.41
N PRO A 319 -1.52 -0.32 21.64
CA PRO A 319 -1.08 -1.53 22.35
C PRO A 319 -2.22 -2.50 22.64
N GLU A 320 -3.45 -1.99 22.75
CA GLU A 320 -4.60 -2.87 22.98
C GLU A 320 -4.95 -3.59 21.68
N GLU A 321 -4.99 -2.86 20.58
CA GLU A 321 -5.19 -3.49 19.25
C GLU A 321 -4.16 -4.60 19.04
N ILE A 322 -2.93 -4.34 19.43
CA ILE A 322 -1.87 -5.34 19.34
C ILE A 322 -2.12 -6.54 20.24
N ASP A 323 -2.55 -6.29 21.47
CA ASP A 323 -2.86 -7.38 22.40
C ASP A 323 -4.04 -8.21 21.90
N GLU A 324 -5.02 -7.55 21.32
CA GLU A 324 -6.20 -8.23 20.80
C GLU A 324 -5.88 -9.09 19.56
N LEU A 325 -4.98 -8.60 18.71
CA LEU A 325 -4.53 -9.40 17.58
C LEU A 325 -3.81 -10.66 18.09
N GLY A 326 -2.94 -10.49 19.08
CA GLY A 326 -2.27 -11.61 19.71
C GLY A 326 -3.26 -12.64 20.26
N TYR A 327 -4.33 -12.12 20.86
CA TYR A 327 -5.40 -12.96 21.38
C TYR A 327 -6.13 -13.67 20.24
N THR A 328 -6.46 -12.91 19.20
CA THR A 328 -7.15 -13.47 18.04
C THR A 328 -6.37 -14.62 17.42
N LEU A 329 -5.04 -14.51 17.40
CA LEU A 329 -4.18 -15.52 16.80
C LEU A 329 -3.61 -16.54 17.79
N TYR A 330 -4.08 -16.51 19.04
CA TYR A 330 -3.44 -17.28 20.12
C TYR A 330 -3.30 -18.80 19.86
N CYS A 331 -4.31 -19.43 19.27
CA CYS A 331 -4.27 -20.89 19.05
C CYS A 331 -3.89 -21.30 17.63
N SER A 332 -3.18 -20.42 16.92
CA SER A 332 -2.96 -20.64 15.50
C SER A 332 -1.90 -21.68 15.13
N LEU A 333 -0.92 -21.93 16.00
CA LEU A 333 0.10 -22.94 15.71
C LEU A 333 -0.45 -24.36 15.93
N SER A 334 -1.55 -24.48 16.68
CA SER A 334 -2.17 -25.79 16.95
C SER A 334 -3.56 -26.01 16.33
N GLU A 335 -4.23 -24.93 15.91
CA GLU A 335 -5.47 -25.05 15.13
C GLU A 335 -5.45 -24.15 13.88
N PRO A 336 -4.35 -24.21 13.09
CA PRO A 336 -4.19 -23.35 11.91
C PRO A 336 -5.30 -23.50 10.88
N GLU A 337 -5.72 -24.74 10.63
CA GLU A 337 -6.75 -25.06 9.63
C GLU A 337 -7.99 -24.17 9.79
N VAL A 338 -8.16 -23.63 10.99
CA VAL A 338 -9.33 -22.84 11.37
C VAL A 338 -9.34 -21.49 10.64
N LEU A 339 -8.16 -20.97 10.33
CA LEU A 339 -8.03 -19.67 9.66
C LEU A 339 -8.51 -19.74 8.21
N LEU A 340 -8.43 -20.94 7.63
CA LEU A 340 -8.80 -21.13 6.24
C LEU A 340 -10.32 -21.23 6.08
N GLN A 341 -11.01 -21.51 7.19
CA GLN A 341 -12.46 -21.63 7.19
C GLN A 341 -13.14 -20.28 7.21
PB ADP B . -3.41 -4.77 -0.30
O1B ADP B . -3.12 -5.74 -1.41
O2B ADP B . -3.83 -5.45 0.98
O3B ADP B . -4.24 -3.57 -0.69
PA ADP B . -0.96 -3.48 -0.92
O1A ADP B . 0.26 -4.38 -1.01
O2A ADP B . -1.70 -3.02 -2.15
O3A ADP B . -1.99 -4.14 0.13
O5' ADP B . -0.57 -2.20 -0.06
C5' ADP B . -1.49 -1.12 -0.08
C4' ADP B . -0.98 0.05 0.72
O4' ADP B . 0.28 0.48 0.20
C3' ADP B . -1.94 1.22 0.59
O3' ADP B . -2.25 1.78 1.87
C2' ADP B . -1.25 2.21 -0.32
O2' ADP B . -1.51 3.57 0.05
C1' ADP B . 0.21 1.85 -0.16
N9 ADP B . 1.03 2.08 -1.36
C8 ADP B . 0.78 1.76 -2.63
N7 ADP B . 1.80 2.13 -3.46
C5 ADP B . 2.75 2.70 -2.68
C6 ADP B . 4.09 3.31 -2.90
N6 ADP B . 4.66 3.40 -4.13
N1 ADP B . 4.73 3.79 -1.81
C2 ADP B . 4.19 3.72 -0.58
N3 ADP B . 2.98 3.18 -0.31
C4 ADP B . 2.23 2.67 -1.32
H5'1 ADP B . -2.45 -1.46 0.33
H5'2 ADP B . -1.67 -0.80 -1.11
H4' ADP B . -0.88 -0.23 1.78
H3' ADP B . -2.86 0.85 0.10
HO3' ADP B . -2.87 2.51 1.77
H2' ADP B . -1.56 2.03 -1.36
HO2' ADP B . -2.45 3.74 -0.01
H1' ADP B . 0.61 2.46 0.66
H8 ADP B . -0.13 1.27 -2.97
HN61 ADP B . 5.57 3.83 -4.23
HN62 ADP B . 4.18 3.05 -4.94
H2 ADP B . 4.76 4.12 0.25
#